data_8CC2
#
_entry.id   8CC2
#
_cell.length_a   33.185
_cell.length_b   79.214
_cell.length_c   90.631
_cell.angle_alpha   90.000
_cell.angle_beta   90.000
_cell.angle_gamma   90.000
#
_symmetry.space_group_name_H-M   'P 21 21 21'
#
loop_
_entity.id
_entity.type
_entity.pdbx_description
1 polymer 'Cathepsin B-like peptidase (C01 family)'
2 non-polymer 'gallinamide A, bound form'
3 non-polymer 'SODIUM ION'
4 water water
#
_entity_poly.entity_id   1
_entity_poly.type   'polypeptide(L)'
_entity_poly.pdbx_seq_one_letter_code
;VEIPSSFDSRKKWPRCKSIATIRDQSRCGSCWAFGAVEAMSDRSCIQSGGKQNVELSAVDLLSCCESCGLGCEGGILGPA
WDYWVKEGIVTGSSKENHAGCEPYPFPKCEHHTKGKYPPCGSKIYKTPRCKQTCQKKYKTPYTQDKHRGKSSYNVKNDEK
AIQKEIMKYGPVEAGFTVYEDFLNYKSGIYKHITGETLGGHAIRIIGWGVENKAPYWLIANSWNEDWGENGYFRIVRGRD
ECSIESEVTAGRIN
;
_entity_poly.pdbx_strand_id   AAA
#
loop_
_chem_comp.id
_chem_comp.type
_chem_comp.name
_chem_comp.formula
GN9 non-polymer 'gallinamide A, bound form' 'C31 H54 N4 O7'
NA non-polymer 'SODIUM ION' 'Na 1'
#
# COMPACT_ATOMS: atom_id res chain seq x y z
N VAL A 1 9.34 25.13 -0.69
CA VAL A 1 7.85 25.16 -0.52
C VAL A 1 7.51 25.16 0.98
N GLU A 2 6.47 25.88 1.38
CA GLU A 2 6.00 25.86 2.78
C GLU A 2 5.09 24.63 2.95
N ILE A 3 5.44 23.84 3.95
CA ILE A 3 4.70 22.62 4.32
C ILE A 3 3.56 23.02 5.23
N PRO A 4 2.30 22.63 4.89
CA PRO A 4 1.16 22.90 5.77
C PRO A 4 1.22 22.00 7.01
N SER A 5 0.52 22.39 8.06
CA SER A 5 0.48 21.66 9.35
C SER A 5 -0.19 20.31 9.13
N SER A 6 -1.08 20.22 8.16
CA SER A 6 -1.75 18.95 7.83
CA SER A 6 -1.81 18.98 7.84
C SER A 6 -1.92 18.83 6.31
N PHE A 7 -1.94 17.61 5.85
CA PHE A 7 -2.12 17.32 4.42
C PHE A 7 -2.80 15.96 4.31
N ASP A 8 -3.75 15.87 3.40
CA ASP A 8 -4.44 14.58 3.14
C ASP A 8 -4.56 14.44 1.63
N SER A 9 -3.88 13.45 1.06
CA SER A 9 -3.91 13.21 -0.40
C SER A 9 -5.36 13.05 -0.88
N ARG A 10 -6.23 12.48 -0.05
CA ARG A 10 -7.64 12.23 -0.47
C ARG A 10 -8.33 13.55 -0.75
N LYS A 11 -7.96 14.62 -0.05
CA LYS A 11 -8.59 15.95 -0.20
C LYS A 11 -7.93 16.75 -1.32
N LYS A 12 -6.65 16.53 -1.62
CA LYS A 12 -6.00 17.28 -2.71
C LYS A 12 -6.46 16.72 -4.06
N TRP A 13 -6.61 15.39 -4.17
CA TRP A 13 -6.88 14.74 -5.48
C TRP A 13 -8.11 13.83 -5.38
N PRO A 14 -9.29 14.41 -5.09
CA PRO A 14 -10.48 13.56 -4.87
C PRO A 14 -11.02 12.85 -6.11
N ARG A 15 -10.63 13.29 -7.30
CA ARG A 15 -11.03 12.55 -8.52
C ARG A 15 -10.34 11.19 -8.58
N CYS A 16 -9.24 11.01 -7.87
CA CYS A 16 -8.46 9.76 -7.92
C CYS A 16 -8.96 8.84 -6.81
N LYS A 17 -9.96 8.02 -7.12
CA LYS A 17 -10.68 7.25 -6.10
C LYS A 17 -9.80 6.17 -5.48
N SER A 18 -8.69 5.78 -6.10
CA SER A 18 -7.79 4.78 -5.49
C SER A 18 -7.29 5.31 -4.15
N ILE A 19 -7.10 6.63 -4.03
CA ILE A 19 -6.39 7.17 -2.84
C ILE A 19 -7.18 6.83 -1.57
N ALA A 20 -8.52 6.89 -1.64
CA ALA A 20 -9.37 6.61 -0.47
C ALA A 20 -9.85 5.14 -0.43
N THR A 21 -9.23 4.25 -1.17
CA THR A 21 -9.63 2.82 -1.20
C THR A 21 -8.68 2.06 -0.28
N ILE A 22 -9.24 1.37 0.70
CA ILE A 22 -8.52 0.42 1.59
C ILE A 22 -8.68 -0.99 1.03
N ARG A 23 -7.55 -1.67 0.91
CA ARG A 23 -7.49 -3.04 0.41
C ARG A 23 -7.23 -4.04 1.54
N ASP A 24 -7.26 -5.32 1.18
CA ASP A 24 -7.00 -6.43 2.13
C ASP A 24 -6.05 -7.43 1.47
N GLN A 25 -4.86 -7.60 2.05
CA GLN A 25 -3.87 -8.58 1.55
C GLN A 25 -4.29 -10.03 1.86
N SER A 26 -5.28 -10.23 2.73
CA SER A 26 -5.77 -11.58 3.09
C SER A 26 -4.67 -12.38 3.80
N ARG A 27 -4.74 -13.71 3.67
CA ARG A 27 -3.85 -14.65 4.42
C ARG A 27 -2.55 -14.80 3.60
N CYS A 28 -1.78 -13.74 3.47
CA CYS A 28 -0.65 -13.67 2.52
C CYS A 28 0.24 -12.51 3.00
N GLY A 29 1.53 -12.73 3.05
CA GLY A 29 2.50 -11.67 3.39
C GLY A 29 2.84 -10.80 2.20
N SER A 30 1.82 -10.28 1.54
CA SER A 30 1.96 -9.49 0.31
C SER A 30 1.86 -7.98 0.58
N CYS A 31 2.03 -7.57 1.82
CA CYS A 31 2.04 -6.13 2.18
C CYS A 31 2.93 -5.35 1.21
N TRP A 32 4.12 -5.85 0.93
CA TRP A 32 5.09 -5.17 0.03
C TRP A 32 4.43 -4.83 -1.31
N ALA A 33 3.65 -5.77 -1.84
CA ALA A 33 2.98 -5.62 -3.15
C ALA A 33 1.78 -4.67 -3.05
N PHE A 34 1.04 -4.76 -1.93
CA PHE A 34 -0.14 -3.88 -1.73
C PHE A 34 0.27 -2.41 -1.60
N GLY A 35 1.25 -2.12 -0.75
CA GLY A 35 1.67 -0.72 -0.63
C GLY A 35 2.15 -0.18 -1.97
N ALA A 36 2.83 -1.01 -2.74
CA ALA A 36 3.33 -0.66 -4.09
C ALA A 36 2.15 -0.36 -5.03
N VAL A 37 1.31 -1.35 -5.29
CA VAL A 37 0.24 -1.13 -6.32
C VAL A 37 -0.73 -0.04 -5.88
N GLU A 38 -0.98 0.11 -4.58
CA GLU A 38 -1.83 1.22 -4.11
C GLU A 38 -1.19 2.55 -4.48
N ALA A 39 0.06 2.79 -4.06
CA ALA A 39 0.70 4.09 -4.34
C ALA A 39 0.89 4.27 -5.85
N MET A 40 1.15 3.22 -6.59
CA MET A 40 1.31 3.32 -8.06
C MET A 40 -0.04 3.71 -8.70
N SER A 41 -1.12 3.12 -8.21
CA SER A 41 -2.48 3.48 -8.70
C SER A 41 -2.72 4.97 -8.46
N ASP A 42 -2.44 5.42 -7.24
CA ASP A 42 -2.65 6.84 -6.84
C ASP A 42 -1.84 7.73 -7.79
N ARG A 43 -0.55 7.42 -7.87
CA ARG A 43 0.37 8.31 -8.61
C ARG A 43 0.06 8.29 -10.12
N SER A 44 -0.32 7.15 -10.67
CA SER A 44 -0.69 7.07 -12.10
C SER A 44 -1.83 8.07 -12.39
N CYS A 45 -2.79 8.14 -11.48
CA CYS A 45 -3.95 9.04 -11.64
C CYS A 45 -3.51 10.49 -11.42
N ILE A 46 -2.84 10.75 -10.31
CA ILE A 46 -2.43 12.13 -9.94
C ILE A 46 -1.57 12.73 -11.08
N GLN A 47 -0.57 11.99 -11.51
CA GLN A 47 0.48 12.52 -12.41
C GLN A 47 -0.02 12.59 -13.86
N SER A 48 -1.14 11.92 -14.18
CA SER A 48 -1.76 11.97 -15.52
C SER A 48 -2.97 12.92 -15.50
N GLY A 49 -3.17 13.70 -14.47
CA GLY A 49 -4.31 14.62 -14.42
C GLY A 49 -5.65 13.88 -14.46
N GLY A 50 -5.69 12.66 -13.94
CA GLY A 50 -6.91 11.83 -13.85
C GLY A 50 -7.14 10.95 -15.06
N LYS A 51 -6.27 10.98 -16.08
CA LYS A 51 -6.49 10.17 -17.30
C LYS A 51 -6.36 8.69 -16.97
N GLN A 52 -5.31 8.30 -16.24
CA GLN A 52 -5.08 6.88 -15.82
C GLN A 52 -5.70 6.61 -14.45
N ASN A 53 -7.02 6.41 -14.41
CA ASN A 53 -7.81 6.27 -13.18
C ASN A 53 -8.12 4.77 -13.04
N VAL A 54 -7.17 4.05 -12.46
CA VAL A 54 -7.16 2.57 -12.45
C VAL A 54 -6.83 2.04 -11.06
N GLU A 55 -7.19 0.78 -10.87
CA GLU A 55 -6.80 -0.03 -9.71
CA GLU A 55 -6.77 -0.01 -9.69
C GLU A 55 -5.81 -1.08 -10.20
N LEU A 56 -4.54 -0.94 -9.85
CA LEU A 56 -3.54 -1.89 -10.34
C LEU A 56 -3.60 -3.19 -9.52
N SER A 57 -3.27 -4.28 -10.18
CA SER A 57 -3.39 -5.68 -9.71
C SER A 57 -2.29 -6.03 -8.70
N ALA A 58 -2.65 -6.24 -7.44
CA ALA A 58 -1.69 -6.80 -6.46
C ALA A 58 -1.21 -8.18 -6.90
N VAL A 59 -2.09 -9.03 -7.41
CA VAL A 59 -1.67 -10.42 -7.71
C VAL A 59 -0.68 -10.44 -8.89
N ASP A 60 -0.79 -9.58 -9.89
CA ASP A 60 0.17 -9.57 -11.01
C ASP A 60 1.57 -9.33 -10.42
N LEU A 61 1.73 -8.29 -9.61
CA LEU A 61 3.05 -7.96 -9.03
C LEU A 61 3.52 -9.08 -8.09
N LEU A 62 2.65 -9.54 -7.20
CA LEU A 62 2.96 -10.59 -6.20
C LEU A 62 3.49 -11.85 -6.89
N SER A 63 2.80 -12.26 -7.94
CA SER A 63 3.00 -13.59 -8.57
C SER A 63 4.08 -13.53 -9.65
N CYS A 64 4.38 -12.38 -10.24
CA CYS A 64 5.23 -12.35 -11.44
C CYS A 64 6.60 -11.71 -11.18
N CYS A 65 6.77 -10.92 -10.13
CA CYS A 65 8.07 -10.27 -9.90
C CYS A 65 9.03 -11.28 -9.23
N GLU A 66 10.05 -11.74 -9.96
CA GLU A 66 11.05 -12.71 -9.47
C GLU A 66 12.03 -12.05 -8.48
N SER A 67 12.33 -10.78 -8.69
CA SER A 67 13.38 -10.06 -7.94
C SER A 67 12.84 -9.47 -6.63
N CYS A 68 11.54 -9.56 -6.40
CA CYS A 68 10.86 -8.88 -5.28
C CYS A 68 10.84 -9.74 -4.01
N GLY A 69 11.32 -10.97 -4.06
CA GLY A 69 11.38 -11.82 -2.87
C GLY A 69 10.56 -13.09 -3.01
N LEU A 70 9.71 -13.38 -2.02
CA LEU A 70 9.16 -14.74 -1.77
C LEU A 70 7.61 -14.71 -1.85
N GLY A 71 7.02 -13.77 -2.59
CA GLY A 71 5.55 -13.78 -2.80
C GLY A 71 4.78 -13.63 -1.48
N CYS A 72 3.93 -14.58 -1.15
CA CYS A 72 3.14 -14.58 0.10
C CYS A 72 4.03 -14.77 1.32
N GLU A 73 5.31 -15.11 1.17
CA GLU A 73 6.24 -15.25 2.32
CA GLU A 73 6.20 -15.24 2.36
C GLU A 73 6.99 -13.93 2.57
N GLY A 74 6.69 -12.88 1.83
CA GLY A 74 7.28 -11.55 2.03
C GLY A 74 8.11 -11.10 0.86
N GLY A 75 8.44 -9.82 0.83
CA GLY A 75 9.14 -9.18 -0.30
C GLY A 75 9.85 -7.88 0.06
N ILE A 76 10.32 -7.19 -0.99
CA ILE A 76 11.32 -6.07 -0.97
C ILE A 76 10.74 -4.91 -1.78
N LEU A 77 10.82 -3.66 -1.29
CA LEU A 77 10.17 -2.50 -1.98
C LEU A 77 10.86 -2.08 -3.27
N GLY A 78 12.16 -1.86 -3.25
CA GLY A 78 12.89 -1.31 -4.40
C GLY A 78 12.55 -2.10 -5.64
N PRO A 79 12.68 -3.43 -5.60
CA PRO A 79 12.40 -4.20 -6.80
C PRO A 79 10.95 -4.11 -7.27
N ALA A 80 9.99 -3.91 -6.37
CA ALA A 80 8.58 -3.79 -6.81
C ALA A 80 8.43 -2.55 -7.70
N TRP A 81 9.05 -1.44 -7.29
CA TRP A 81 8.95 -0.19 -8.09
C TRP A 81 9.76 -0.33 -9.38
N ASP A 82 10.88 -1.04 -9.35
CA ASP A 82 11.65 -1.31 -10.60
C ASP A 82 10.80 -2.15 -11.56
N TYR A 83 10.05 -3.13 -11.05
CA TYR A 83 9.18 -4.01 -11.87
C TYR A 83 8.12 -3.15 -12.58
N TRP A 84 7.52 -2.23 -11.85
CA TRP A 84 6.50 -1.30 -12.41
C TRP A 84 7.12 -0.48 -13.55
N VAL A 85 8.33 0.01 -13.37
CA VAL A 85 9.03 0.77 -14.44
C VAL A 85 9.31 -0.13 -15.65
N LYS A 86 9.88 -1.30 -15.43
CA LYS A 86 10.37 -2.13 -16.55
C LYS A 86 9.25 -2.93 -17.23
N GLU A 87 8.46 -3.66 -16.47
CA GLU A 87 7.45 -4.59 -17.02
C GLU A 87 6.06 -3.97 -16.93
N GLY A 88 5.81 -3.14 -15.94
CA GLY A 88 4.47 -2.62 -15.67
C GLY A 88 3.59 -3.63 -14.97
N ILE A 89 2.41 -3.19 -14.60
CA ILE A 89 1.43 -3.98 -13.80
C ILE A 89 0.07 -3.81 -14.45
N VAL A 90 -0.69 -4.90 -14.56
CA VAL A 90 -2.06 -4.83 -15.15
C VAL A 90 -3.06 -4.33 -14.09
N THR A 91 -4.31 -4.15 -14.51
CA THR A 91 -5.40 -3.77 -13.59
C THR A 91 -5.95 -4.99 -12.86
N GLY A 92 -6.60 -4.74 -11.73
CA GLY A 92 -7.30 -5.80 -10.99
C GLY A 92 -7.77 -5.31 -9.64
N SER A 93 -9.02 -5.58 -9.30
CA SER A 93 -9.65 -5.14 -8.05
C SER A 93 -9.53 -6.23 -6.99
N SER A 94 -10.26 -6.05 -5.91
CA SER A 94 -10.41 -7.08 -4.86
C SER A 94 -11.13 -8.31 -5.44
N LYS A 95 -11.09 -9.41 -4.69
CA LYS A 95 -11.80 -10.65 -5.06
C LYS A 95 -13.29 -10.33 -5.18
N GLU A 96 -13.84 -9.62 -4.20
CA GLU A 96 -15.30 -9.38 -4.07
CA GLU A 96 -15.32 -9.42 -4.13
C GLU A 96 -15.78 -8.53 -5.28
N ASN A 97 -14.98 -7.56 -5.72
CA ASN A 97 -15.38 -6.65 -6.84
C ASN A 97 -15.16 -7.33 -8.20
N HIS A 98 -14.17 -8.23 -8.26
CA HIS A 98 -13.88 -9.07 -9.46
CA HIS A 98 -13.75 -9.04 -9.44
C HIS A 98 -13.82 -8.22 -10.74
N ALA A 99 -13.15 -7.09 -10.72
CA ALA A 99 -13.00 -6.18 -11.87
C ALA A 99 -11.54 -6.11 -12.33
N GLY A 100 -11.37 -5.70 -13.58
CA GLY A 100 -10.05 -5.53 -14.19
C GLY A 100 -9.49 -6.83 -14.70
N CYS A 101 -8.24 -6.76 -15.12
CA CYS A 101 -7.59 -7.91 -15.78
C CYS A 101 -7.43 -9.06 -14.78
N GLU A 102 -6.79 -8.81 -13.64
CA GLU A 102 -6.41 -9.88 -12.68
C GLU A 102 -6.81 -9.48 -11.28
N PRO A 103 -8.08 -9.68 -10.90
CA PRO A 103 -8.50 -9.40 -9.54
C PRO A 103 -7.82 -10.32 -8.53
N TYR A 104 -7.79 -9.88 -7.28
CA TYR A 104 -7.08 -10.61 -6.21
C TYR A 104 -7.80 -11.93 -5.95
N PRO A 105 -7.09 -13.06 -5.75
CA PRO A 105 -7.76 -14.36 -5.59
C PRO A 105 -8.22 -14.67 -4.16
N PHE A 106 -7.83 -13.85 -3.19
CA PHE A 106 -7.99 -14.20 -1.76
C PHE A 106 -9.01 -13.30 -1.11
N PRO A 107 -9.84 -13.87 -0.19
CA PRO A 107 -10.91 -13.12 0.44
C PRO A 107 -10.49 -12.26 1.64
N LYS A 108 -11.34 -11.28 1.96
N LYS A 108 -11.35 -11.29 1.96
CA LYS A 108 -11.13 -10.42 3.13
CA LYS A 108 -11.12 -10.40 3.12
C LYS A 108 -11.15 -11.24 4.42
C LYS A 108 -11.16 -11.23 4.42
N CYS A 109 -10.31 -10.85 5.38
CA CYS A 109 -10.27 -11.53 6.69
C CYS A 109 -9.76 -10.54 7.74
N GLU A 110 -10.05 -10.83 9.01
CA GLU A 110 -9.64 -9.94 10.11
C GLU A 110 -8.22 -10.24 10.56
N HIS A 111 -7.40 -9.18 10.57
CA HIS A 111 -5.97 -9.24 10.96
C HIS A 111 -5.81 -8.88 12.44
N HIS A 112 -6.00 -9.86 13.32
N HIS A 112 -5.95 -9.85 13.34
CA HIS A 112 -5.85 -9.72 14.79
CA HIS A 112 -5.76 -9.65 14.80
C HIS A 112 -6.68 -8.54 15.30
C HIS A 112 -6.67 -8.52 15.31
N THR A 113 -7.94 -8.48 14.90
CA THR A 113 -8.88 -7.44 15.34
C THR A 113 -10.31 -7.98 15.17
N LYS A 114 -11.27 -7.37 15.83
CA LYS A 114 -12.67 -7.82 15.76
C LYS A 114 -13.39 -7.22 14.56
N GLY A 115 -14.31 -7.96 13.99
CA GLY A 115 -15.18 -7.37 12.97
C GLY A 115 -16.02 -8.39 12.25
N LYS A 116 -16.45 -8.02 11.06
CA LYS A 116 -17.51 -8.75 10.33
C LYS A 116 -16.94 -9.77 9.34
N TYR A 117 -15.63 -9.88 9.18
CA TYR A 117 -15.01 -10.87 8.27
C TYR A 117 -14.49 -12.06 9.08
N PRO A 118 -14.32 -13.24 8.46
CA PRO A 118 -13.66 -14.35 9.15
C PRO A 118 -12.28 -13.95 9.65
N PRO A 119 -11.79 -14.50 10.77
CA PRO A 119 -10.41 -14.27 11.17
C PRO A 119 -9.44 -14.75 10.10
N CYS A 120 -8.35 -14.02 9.91
CA CYS A 120 -7.30 -14.50 8.99
C CYS A 120 -6.67 -15.77 9.54
N GLY A 121 -6.44 -15.86 10.83
CA GLY A 121 -5.70 -16.99 11.41
C GLY A 121 -4.22 -16.93 11.09
N SER A 122 -3.52 -18.03 11.35
CA SER A 122 -2.04 -18.11 11.35
C SER A 122 -1.48 -18.74 10.06
N LYS A 123 -2.31 -19.39 9.24
CA LYS A 123 -1.84 -20.08 8.02
CA LYS A 123 -1.85 -20.09 8.01
C LYS A 123 -1.87 -19.10 6.83
N ILE A 124 -0.93 -19.27 5.91
CA ILE A 124 -0.87 -18.40 4.70
CA ILE A 124 -0.70 -18.43 4.71
C ILE A 124 -1.04 -19.25 3.45
N TYR A 125 -1.69 -18.64 2.48
CA TYR A 125 -1.88 -19.25 1.16
C TYR A 125 -0.53 -19.43 0.46
N LYS A 126 -0.47 -20.42 -0.41
CA LYS A 126 0.60 -20.54 -1.43
C LYS A 126 0.57 -19.31 -2.34
N THR A 127 1.74 -18.84 -2.76
CA THR A 127 1.82 -17.74 -3.73
C THR A 127 1.14 -18.18 -5.02
N PRO A 128 0.21 -17.37 -5.57
CA PRO A 128 -0.40 -17.69 -6.86
C PRO A 128 0.66 -17.79 -7.96
N ARG A 129 0.36 -18.57 -8.99
CA ARG A 129 1.18 -18.64 -10.22
C ARG A 129 1.06 -17.32 -11.00
N CYS A 130 2.09 -17.02 -11.80
CA CYS A 130 2.10 -15.86 -12.71
C CYS A 130 1.33 -16.27 -13.98
N LYS A 131 0.04 -15.93 -14.06
CA LYS A 131 -0.91 -16.47 -15.06
C LYS A 131 -0.87 -15.70 -16.37
N GLN A 132 -0.58 -14.41 -16.36
CA GLN A 132 -0.40 -13.61 -17.62
CA GLN A 132 -0.40 -13.62 -17.61
C GLN A 132 -1.66 -13.69 -18.49
N THR A 133 -2.85 -13.71 -17.86
CA THR A 133 -4.12 -13.90 -18.58
C THR A 133 -5.20 -13.07 -17.88
N CYS A 134 -5.88 -12.21 -18.61
CA CYS A 134 -7.00 -11.45 -18.02
C CYS A 134 -8.20 -12.37 -17.85
N GLN A 135 -9.04 -12.06 -16.88
CA GLN A 135 -10.31 -12.79 -16.67
C GLN A 135 -11.13 -12.75 -17.98
N LYS A 136 -11.96 -13.75 -18.19
CA LYS A 136 -12.72 -13.96 -19.45
C LYS A 136 -13.50 -12.69 -19.83
N LYS A 137 -14.13 -11.98 -18.89
CA LYS A 137 -15.04 -10.85 -19.19
CA LYS A 137 -15.04 -10.85 -19.21
C LYS A 137 -14.24 -9.60 -19.56
N TYR A 138 -12.94 -9.59 -19.29
CA TYR A 138 -12.10 -8.40 -19.55
C TYR A 138 -11.47 -8.55 -20.93
N LYS A 139 -11.78 -7.62 -21.83
CA LYS A 139 -11.56 -7.81 -23.29
C LYS A 139 -10.31 -7.06 -23.78
N THR A 140 -9.34 -6.86 -22.90
CA THR A 140 -7.97 -6.42 -23.24
C THR A 140 -7.00 -7.54 -22.92
N PRO A 141 -6.11 -7.94 -23.87
CA PRO A 141 -5.09 -8.93 -23.56
C PRO A 141 -4.18 -8.43 -22.44
N TYR A 142 -3.71 -9.38 -21.62
CA TYR A 142 -2.82 -9.13 -20.47
C TYR A 142 -1.71 -8.12 -20.79
N THR A 143 -0.91 -8.38 -21.82
CA THR A 143 0.27 -7.49 -22.08
C THR A 143 -0.18 -6.08 -22.41
N GLN A 144 -1.36 -5.92 -23.02
CA GLN A 144 -1.87 -4.60 -23.46
C GLN A 144 -2.56 -3.85 -22.32
N ASP A 145 -2.69 -4.48 -21.16
CA ASP A 145 -3.32 -3.83 -19.96
C ASP A 145 -2.23 -3.32 -19.02
N LYS A 146 -0.95 -3.47 -19.36
CA LYS A 146 0.16 -3.11 -18.47
C LYS A 146 0.27 -1.59 -18.36
N HIS A 147 0.38 -1.11 -17.13
CA HIS A 147 0.66 0.30 -16.79
C HIS A 147 2.08 0.38 -16.23
N ARG A 148 2.92 1.22 -16.83
CA ARG A 148 4.34 1.34 -16.44
C ARG A 148 4.67 2.70 -15.86
N GLY A 149 5.69 2.71 -15.03
CA GLY A 149 6.34 3.95 -14.58
C GLY A 149 7.50 4.34 -15.46
N LYS A 150 8.00 5.54 -15.24
CA LYS A 150 9.24 6.05 -15.89
C LYS A 150 10.43 5.95 -14.94
N SER A 151 10.26 6.25 -13.66
CA SER A 151 11.37 6.24 -12.70
C SER A 151 10.90 5.65 -11.37
N SER A 152 11.86 5.16 -10.62
CA SER A 152 11.66 4.74 -9.22
C SER A 152 12.84 5.22 -8.41
N TYR A 153 12.59 5.45 -7.12
CA TYR A 153 13.63 6.03 -6.27
C TYR A 153 13.27 5.81 -4.80
N ASN A 154 14.31 5.76 -3.99
CA ASN A 154 14.17 5.89 -2.53
C ASN A 154 14.09 7.38 -2.20
N VAL A 155 13.29 7.70 -1.21
CA VAL A 155 13.14 9.09 -0.72
C VAL A 155 14.10 9.25 0.46
N LYS A 156 14.75 10.40 0.55
CA LYS A 156 15.66 10.75 1.65
C LYS A 156 14.98 10.52 3.01
N ASN A 157 15.75 10.05 4.00
CA ASN A 157 15.28 9.86 5.39
CA ASN A 157 15.28 9.87 5.41
C ASN A 157 15.27 11.21 6.11
N ASP A 158 14.36 12.08 5.70
CA ASP A 158 14.22 13.46 6.20
C ASP A 158 12.71 13.77 6.14
N GLU A 159 12.16 14.21 7.27
CA GLU A 159 10.72 14.48 7.41
C GLU A 159 10.25 15.45 6.32
N LYS A 160 10.92 16.60 6.19
CA LYS A 160 10.45 17.61 5.22
C LYS A 160 10.56 17.06 3.79
N ALA A 161 11.63 16.31 3.47
CA ALA A 161 11.75 15.74 2.11
C ALA A 161 10.56 14.79 1.83
N ILE A 162 10.16 13.99 2.80
CA ILE A 162 9.04 13.04 2.61
C ILE A 162 7.74 13.85 2.42
N GLN A 163 7.52 14.88 3.23
CA GLN A 163 6.29 15.72 3.13
C GLN A 163 6.25 16.37 1.75
N LYS A 164 7.36 16.92 1.28
CA LYS A 164 7.42 17.60 -0.03
C LYS A 164 7.09 16.59 -1.15
N GLU A 165 7.65 15.39 -1.05
CA GLU A 165 7.43 14.34 -2.06
C GLU A 165 5.94 13.96 -2.14
N ILE A 166 5.31 13.74 -0.99
CA ILE A 166 3.88 13.35 -0.95
C ILE A 166 3.04 14.49 -1.53
N MET A 167 3.28 15.73 -1.12
CA MET A 167 2.32 16.78 -1.51
CA MET A 167 2.42 16.87 -1.49
C MET A 167 2.51 17.14 -2.99
N LYS A 168 3.70 16.92 -3.58
CA LYS A 168 3.92 17.23 -5.01
C LYS A 168 3.51 16.06 -5.90
N TYR A 169 3.90 14.85 -5.56
CA TYR A 169 3.80 13.70 -6.48
C TYR A 169 2.85 12.58 -5.99
N GLY A 170 2.39 12.62 -4.74
CA GLY A 170 1.35 11.72 -4.25
C GLY A 170 1.85 10.77 -3.19
N PRO A 171 0.95 9.90 -2.71
CA PRO A 171 1.30 8.93 -1.68
C PRO A 171 2.52 8.06 -2.01
N VAL A 172 3.25 7.68 -0.97
CA VAL A 172 4.49 6.89 -1.09
C VAL A 172 4.29 5.54 -0.40
N GLU A 173 5.12 4.57 -0.78
CA GLU A 173 5.20 3.32 -0.01
C GLU A 173 6.29 3.49 1.05
N ALA A 174 6.09 2.85 2.20
CA ALA A 174 7.08 2.95 3.29
C ALA A 174 7.09 1.64 4.08
N GLY A 175 8.26 1.25 4.54
CA GLY A 175 8.40 0.12 5.47
C GLY A 175 8.56 0.61 6.91
N PHE A 176 8.22 -0.24 7.86
CA PHE A 176 8.49 0.00 9.28
C PHE A 176 8.57 -1.33 10.00
N THR A 177 9.14 -1.27 11.19
CA THR A 177 9.28 -2.46 12.06
C THR A 177 7.99 -2.66 12.87
N VAL A 178 7.36 -3.82 12.70
CA VAL A 178 6.13 -4.18 13.47
CA VAL A 178 6.13 -4.18 13.45
C VAL A 178 6.55 -4.87 14.75
N TYR A 179 6.13 -4.30 15.87
CA TYR A 179 6.27 -4.91 17.20
C TYR A 179 4.92 -5.49 17.62
N GLU A 180 4.91 -6.34 18.64
CA GLU A 180 3.65 -7.05 18.99
C GLU A 180 2.54 -6.06 19.34
N ASP A 181 2.84 -4.91 19.94
CA ASP A 181 1.78 -3.98 20.36
C ASP A 181 1.06 -3.36 19.15
N PHE A 182 1.67 -3.34 17.97
CA PHE A 182 0.98 -2.83 16.76
C PHE A 182 -0.30 -3.66 16.49
N LEU A 183 -0.26 -4.96 16.82
CA LEU A 183 -1.42 -5.84 16.56
C LEU A 183 -2.59 -5.50 17.51
N ASN A 184 -2.36 -4.73 18.57
CA ASN A 184 -3.40 -4.26 19.51
C ASN A 184 -3.97 -2.91 19.10
N TYR A 185 -3.46 -2.31 18.02
CA TYR A 185 -3.89 -0.94 17.66
C TYR A 185 -5.37 -0.93 17.27
N LYS A 186 -6.10 -0.04 17.91
CA LYS A 186 -7.51 0.23 17.56
C LYS A 186 -7.69 1.64 16.96
N SER A 187 -7.03 2.64 17.52
CA SER A 187 -7.17 4.03 17.09
C SER A 187 -6.07 4.87 17.73
N GLY A 188 -5.94 6.11 17.26
CA GLY A 188 -5.05 7.09 17.87
C GLY A 188 -3.68 7.10 17.19
N ILE A 189 -2.70 7.66 17.89
CA ILE A 189 -1.34 7.87 17.34
C ILE A 189 -0.43 6.78 17.91
N TYR A 190 -0.06 5.84 17.06
CA TYR A 190 0.76 4.69 17.46
C TYR A 190 2.20 5.16 17.74
N LYS A 191 2.79 4.53 18.76
CA LYS A 191 4.25 4.46 18.99
C LYS A 191 4.55 3.11 19.67
N HIS A 192 5.75 2.61 19.49
CA HIS A 192 6.14 1.32 20.10
C HIS A 192 6.36 1.52 21.59
N ILE A 193 5.62 0.77 22.39
CA ILE A 193 5.72 0.82 23.87
C ILE A 193 6.05 -0.57 24.44
N THR A 194 5.37 -1.62 23.97
CA THR A 194 5.57 -3.00 24.44
C THR A 194 5.75 -3.97 23.28
N GLY A 195 6.34 -5.13 23.57
CA GLY A 195 6.33 -6.26 22.65
C GLY A 195 7.60 -6.37 21.85
N GLU A 196 7.84 -7.57 21.37
CA GLU A 196 9.06 -7.86 20.58
C GLU A 196 8.76 -7.72 19.09
N THR A 197 9.80 -7.73 18.27
CA THR A 197 9.65 -7.54 16.81
C THR A 197 8.92 -8.73 16.15
N LEU A 198 8.06 -8.42 15.18
CA LEU A 198 7.43 -9.44 14.30
C LEU A 198 7.90 -9.23 12.85
N GLY A 199 8.90 -8.41 12.64
CA GLY A 199 9.49 -8.24 11.31
C GLY A 199 9.09 -6.91 10.77
N GLY A 200 9.03 -6.82 9.45
CA GLY A 200 8.73 -5.57 8.75
C GLY A 200 7.36 -5.62 8.12
N HIS A 201 6.77 -4.45 8.00
CA HIS A 201 5.51 -4.25 7.27
C HIS A 201 5.71 -3.11 6.28
N ALA A 202 4.93 -3.13 5.22
CA ALA A 202 4.94 -2.15 4.14
C ALA A 202 3.54 -1.57 3.99
N ILE A 203 3.47 -0.25 4.00
CA ILE A 203 2.20 0.51 4.02
C ILE A 203 2.29 1.70 3.07
N ARG A 204 1.24 2.51 3.01
CA ARG A 204 1.14 3.64 2.07
C ARG A 204 0.90 4.91 2.90
N ILE A 205 1.83 5.85 2.86
CA ILE A 205 1.69 7.15 3.58
C ILE A 205 0.94 8.13 2.69
N ILE A 206 -0.20 8.63 3.16
CA ILE A 206 -1.07 9.52 2.35
C ILE A 206 -1.01 10.98 2.83
N GLY A 207 -0.45 11.25 4.00
CA GLY A 207 -0.47 12.62 4.52
C GLY A 207 0.07 12.69 5.92
N TRP A 208 -0.30 13.75 6.62
CA TRP A 208 0.22 14.04 7.98
C TRP A 208 -0.70 15.02 8.68
N GLY A 209 -0.53 15.12 9.99
CA GLY A 209 -1.30 16.10 10.76
C GLY A 209 -0.72 16.23 12.15
N VAL A 210 -1.48 16.88 13.01
CA VAL A 210 -1.05 17.06 14.42
CA VAL A 210 -1.06 17.14 14.42
C VAL A 210 -2.30 17.11 15.27
N GLU A 211 -2.24 16.47 16.43
CA GLU A 211 -3.38 16.49 17.35
C GLU A 211 -2.83 16.63 18.76
N ASN A 212 -3.35 17.62 19.50
CA ASN A 212 -2.89 17.88 20.89
C ASN A 212 -1.35 18.07 20.91
N LYS A 213 -0.81 18.74 19.87
CA LYS A 213 0.61 19.07 19.68
C LYS A 213 1.44 17.86 19.24
N ALA A 214 0.85 16.69 19.08
CA ALA A 214 1.57 15.45 18.68
C ALA A 214 1.52 15.29 17.17
N PRO A 215 2.67 15.39 16.49
CA PRO A 215 2.71 15.21 15.04
C PRO A 215 2.58 13.74 14.66
N TYR A 216 1.94 13.50 13.53
CA TYR A 216 1.74 12.12 13.04
C TYR A 216 1.82 12.06 11.52
N TRP A 217 2.07 10.85 11.04
CA TRP A 217 1.83 10.44 9.62
C TRP A 217 0.45 9.79 9.56
N LEU A 218 -0.26 10.05 8.46
CA LEU A 218 -1.54 9.38 8.14
C LEU A 218 -1.28 8.27 7.12
N ILE A 219 -1.63 7.03 7.48
CA ILE A 219 -1.19 5.85 6.72
C ILE A 219 -2.37 4.93 6.41
N ALA A 220 -2.44 4.46 5.17
CA ALA A 220 -3.37 3.37 4.79
C ALA A 220 -2.71 2.03 5.03
N ASN A 221 -3.33 1.19 5.87
CA ASN A 221 -2.95 -0.22 6.00
C ASN A 221 -3.70 -1.02 4.94
N SER A 222 -3.32 -2.29 4.75
CA SER A 222 -3.92 -3.23 3.77
C SER A 222 -4.57 -4.39 4.50
N TRP A 223 -5.26 -4.10 5.62
CA TRP A 223 -5.91 -5.12 6.48
C TRP A 223 -7.42 -4.88 6.56
N ASN A 224 -7.98 -4.34 5.48
CA ASN A 224 -9.43 -4.01 5.33
C ASN A 224 -9.86 -2.86 6.27
N GLU A 225 -11.09 -2.42 6.04
CA GLU A 225 -11.68 -1.23 6.69
C GLU A 225 -12.01 -1.46 8.16
N ASP A 226 -12.10 -2.70 8.63
CA ASP A 226 -12.43 -2.94 10.04
C ASP A 226 -11.21 -2.64 10.92
N TRP A 227 -10.00 -2.76 10.37
CA TRP A 227 -8.78 -2.59 11.15
C TRP A 227 -8.54 -1.10 11.42
N GLY A 228 -8.17 -0.76 12.65
CA GLY A 228 -7.72 0.62 12.95
C GLY A 228 -8.82 1.65 12.70
N GLU A 229 -8.41 2.79 12.16
CA GLU A 229 -9.30 3.95 11.95
C GLU A 229 -9.92 3.83 10.55
N ASN A 230 -10.87 2.93 10.38
CA ASN A 230 -11.53 2.65 9.07
CA ASN A 230 -11.52 2.70 9.06
C ASN A 230 -10.48 2.22 8.03
N GLY A 231 -9.45 1.50 8.48
CA GLY A 231 -8.42 0.91 7.61
C GLY A 231 -7.11 1.67 7.66
N TYR A 232 -7.14 2.86 8.25
CA TYR A 232 -5.97 3.76 8.38
C TYR A 232 -5.37 3.64 9.78
N PHE A 233 -4.16 4.16 9.94
CA PHE A 233 -3.61 4.44 11.28
C PHE A 233 -2.79 5.72 11.23
N ARG A 234 -2.48 6.20 12.42
CA ARG A 234 -1.56 7.34 12.62
C ARG A 234 -0.37 6.83 13.43
N ILE A 235 0.81 7.37 13.14
CA ILE A 235 2.07 6.99 13.85
C ILE A 235 2.84 8.28 14.08
N VAL A 236 3.54 8.34 15.20
CA VAL A 236 4.42 9.49 15.53
C VAL A 236 5.27 9.85 14.31
N ARG A 237 5.37 11.14 14.04
CA ARG A 237 6.16 11.71 12.93
C ARG A 237 7.31 12.54 13.47
N GLY A 238 8.48 12.39 12.85
CA GLY A 238 9.65 13.26 13.10
C GLY A 238 10.78 12.63 13.90
N ARG A 239 10.59 11.41 14.42
CA ARG A 239 11.54 10.73 15.33
CA ARG A 239 11.65 10.78 15.25
C ARG A 239 11.96 9.38 14.74
N ASP A 240 11.69 9.14 13.45
CA ASP A 240 11.97 7.83 12.79
C ASP A 240 11.41 6.69 13.63
N GLU A 241 10.19 6.87 14.13
CA GLU A 241 9.49 5.85 14.96
C GLU A 241 9.37 4.54 14.17
N CYS A 242 9.91 3.43 14.72
CA CYS A 242 9.84 2.11 14.07
C CYS A 242 10.44 2.18 12.65
N SER A 243 11.37 3.11 12.40
CA SER A 243 12.04 3.30 11.10
C SER A 243 11.08 3.79 9.99
N ILE A 244 9.99 4.46 10.37
CA ILE A 244 8.96 4.88 9.39
C ILE A 244 9.52 5.90 8.39
N GLU A 245 10.54 6.67 8.72
CA GLU A 245 11.10 7.68 7.80
C GLU A 245 12.29 7.14 7.01
N SER A 246 12.68 5.87 7.18
CA SER A 246 13.95 5.36 6.65
C SER A 246 13.81 4.35 5.51
N GLU A 247 12.59 3.96 5.14
CA GLU A 247 12.39 2.95 4.08
C GLU A 247 11.26 3.43 3.14
N VAL A 248 11.34 4.68 2.72
CA VAL A 248 10.32 5.29 1.85
C VAL A 248 10.77 5.12 0.40
N THR A 249 9.88 4.65 -0.46
CA THR A 249 10.16 4.37 -1.89
C THR A 249 8.95 4.84 -2.72
N ALA A 250 9.22 5.42 -3.86
CA ALA A 250 8.14 5.83 -4.77
C ALA A 250 8.69 5.94 -6.19
N GLY A 251 7.97 6.63 -7.05
CA GLY A 251 8.32 6.67 -8.47
C GLY A 251 7.32 7.52 -9.22
N ARG A 252 7.63 7.79 -10.47
CA ARG A 252 6.81 8.71 -11.28
CA ARG A 252 6.84 8.72 -11.30
C ARG A 252 6.56 8.09 -12.66
N ILE A 253 5.44 8.48 -13.28
CA ILE A 253 5.11 8.02 -14.65
C ILE A 253 5.78 8.93 -15.70
N ASN A 254 6.30 10.11 -15.32
CA ASN A 254 6.90 11.05 -16.29
C ASN A 254 8.01 11.87 -15.61
C1 GN9 B . 14.89 -11.63 6.24
C2 GN9 B . 13.81 -12.75 6.17
C3 GN9 B . 13.79 -13.34 4.74
C4 GN9 B . 12.40 -12.29 6.69
C5 GN9 B . 12.16 -10.86 6.18
C6 GN9 B . 11.38 -9.79 4.17
O1 GN9 B . 11.75 -10.95 4.92
O2 GN9 B . 9.40 -9.84 5.54
O3 GN9 B . 7.29 -8.48 3.10
O4 GN9 B . 2.13 -9.64 6.25
O5 GN9 B . 3.68 -7.17 9.22
O6 GN9 B . 1.52 -10.88 11.18
C26 GN9 B . 3.08 -8.20 9.40
C25 GN9 B . 2.74 -8.81 10.67
C24 GN9 B . 2.06 -9.94 10.40
C27 GN9 B . 1.68 -10.73 12.61
C23 GN9 B . 1.91 -10.19 8.91
C28 GN9 B . 2.59 -11.52 8.53
N2 GN9 B . 2.59 -9.00 8.34
C22 GN9 B . 2.69 -8.85 6.98
C21 GN9 B . 3.51 -7.76 6.33
C20 GN9 B . 3.73 -8.17 4.86
C18 GN9 B . 5.15 -8.90 4.76
C19 GN9 B . 5.30 -10.20 5.57
N1 GN9 B . 6.38 -8.10 5.09
C17 GN9 B . 7.40 -8.00 4.19
C12 GN9 B . 8.63 -7.16 4.57
C13 GN9 B . 8.53 -5.82 3.78
C14 GN9 B . 9.57 -4.73 4.04
C16 GN9 B . 9.20 -4.06 5.37
C15 GN9 B . 9.71 -3.74 2.87
N GN9 B . 9.84 -7.94 4.25
C11 GN9 B . 10.10 -9.21 4.74
C7 GN9 B . 11.23 -10.27 2.71
C8 GN9 B . 12.39 -11.12 2.14
C10 GN9 B . 11.99 -11.74 0.79
C9 GN9 B . 13.72 -10.36 2.02
O GN9 B . 12.34 -9.80 6.78
N3 GN9 B . 11.21 -13.18 6.51
C30 GN9 B . 10.73 -13.65 5.18
C29 GN9 B . 10.02 -12.74 7.31
C GN9 B . 16.27 -12.01 5.68
NA NA C . -11.62 -0.29 13.36
#